data_4Z62
#
_entry.id   4Z62
#
_cell.length_a   90.033
_cell.length_b   98.790
_cell.length_c   227.294
_cell.angle_alpha   90.00
_cell.angle_beta   90.00
_cell.angle_gamma   90.00
#
_symmetry.space_group_name_H-M   'C 2 2 21'
#
loop_
_entity.id
_entity.type
_entity.pdbx_description
1 polymer 'Phytosulfokine receptor 1'
2 non-polymer 2-acetamido-2-deoxy-beta-D-glucopyranose
#
_entity_poly.entity_id   1
_entity_poly.type   'polypeptide(L)'
_entity_poly.pdbx_seq_one_letter_code
;SQNLTCNSNDLKALEGFMRGLESSIDGWKWNESSSFSSNCCDWVGISCKSSVSLGLDDVNESGRVVELELGRRKLSGKLS
ESVAKLDQLKVLNLTHNSLSGSIAASLLNLSNLEVLDLSSNDFSGLFPSLINLPSLRVLNVYENSFHGLIPASLCNNLPR
IREIDLAMNYFDGSIPVGIGNCSSVEYLGLASNNLSGSIPQELFQLSNLSVLALQNNRLSGALSSKLGKLSNLGRLDISS
NKFSGKIPDVFLELNKLWYFSAQSNLFNGEMPRSLSNSRSISLLSLRNNTLSGQIYLNCSAMTNLTSLDLASNSFSGSIP
SNLPNCLRLKTINFAKIKFIAQIPESFKNFQSLTSLSFSNSSIQNISSALEILQHCQNLKTLVLTLNFQKEELPSVPSLQ
FKNLKVLIIASCQLRGTVPQWLSNSPSLQLLDLSWNQLSGTIPPWLGSLNSLFYLDLSNNTFIGEIPHSLTSLQSLVSKE
NAVEEPSPDFPFFKKKNTNAGGLQYNQPSSFPPMIDLSYNSLNGSIWPEFGDLRQLHVLNLKNNNLSGNIPANLSGMTSL
EVLDLSHNNLSGNIPPSLVKLSFLSTFSVAYNKLSGPIPTGVQFQTFPNSSFEGNQGLCGEHASPCHITDQSPHGSHHHH
HH
;
_entity_poly.pdbx_strand_id   A
#
loop_
_chem_comp.id
_chem_comp.type
_chem_comp.name
_chem_comp.formula
NAG D-saccharide, beta linking 2-acetamido-2-deoxy-beta-D-glucopyranose 'C8 H15 N O6'
#
# COMPACT_ATOMS: atom_id res chain seq x y z
N THR A 5 -32.27 -33.52 13.49
CA THR A 5 -32.43 -33.20 14.91
C THR A 5 -31.09 -33.01 15.60
N CYS A 6 -30.94 -31.87 16.27
CA CYS A 6 -29.70 -31.47 16.92
C CYS A 6 -29.31 -32.36 18.11
N ASN A 7 -28.00 -32.47 18.37
CA ASN A 7 -27.47 -33.29 19.46
C ASN A 7 -27.54 -32.60 20.82
N SER A 8 -27.72 -33.38 21.87
CA SER A 8 -27.80 -32.86 23.23
C SER A 8 -26.50 -32.18 23.70
N ASN A 9 -25.40 -32.93 23.71
CA ASN A 9 -24.13 -32.43 24.22
C ASN A 9 -23.55 -31.29 23.39
N ASP A 10 -23.95 -31.22 22.12
CA ASP A 10 -23.50 -30.15 21.23
C ASP A 10 -24.25 -28.87 21.53
N LEU A 11 -25.49 -28.99 21.99
CA LEU A 11 -26.28 -27.80 22.32
C LEU A 11 -25.73 -27.15 23.59
N LYS A 12 -25.27 -27.97 24.52
CA LYS A 12 -24.72 -27.49 25.79
C LYS A 12 -23.49 -26.67 25.48
N ALA A 13 -22.68 -27.18 24.55
CA ALA A 13 -21.46 -26.52 24.14
C ALA A 13 -21.73 -25.18 23.44
N LEU A 14 -22.70 -25.16 22.53
CA LEU A 14 -23.08 -23.93 21.85
C LEU A 14 -23.61 -22.89 22.85
N GLU A 15 -24.18 -23.36 23.96
CA GLU A 15 -24.68 -22.49 25.02
C GLU A 15 -23.52 -21.75 25.70
N GLY A 16 -22.55 -22.51 26.19
CA GLY A 16 -21.37 -21.95 26.81
C GLY A 16 -20.72 -20.92 25.91
N PHE A 17 -20.68 -21.24 24.62
CA PHE A 17 -20.16 -20.31 23.62
C PHE A 17 -20.93 -19.00 23.58
N MET A 18 -22.26 -19.09 23.60
CA MET A 18 -23.09 -17.90 23.64
C MET A 18 -22.88 -17.16 24.97
N ARG A 19 -22.71 -17.91 26.04
CA ARG A 19 -22.49 -17.32 27.36
C ARG A 19 -21.22 -16.45 27.41
N GLY A 20 -20.27 -16.76 26.55
CA GLY A 20 -19.00 -16.05 26.54
C GLY A 20 -19.00 -14.77 25.73
N LEU A 21 -19.90 -14.69 24.76
CA LEU A 21 -20.03 -13.53 23.89
C LEU A 21 -20.66 -12.34 24.64
N GLU A 22 -20.50 -11.14 24.10
CA GLU A 22 -21.10 -9.95 24.71
C GLU A 22 -22.41 -9.47 24.07
N SER A 23 -22.81 -10.09 22.96
CA SER A 23 -24.04 -9.70 22.28
C SER A 23 -24.64 -10.87 21.51
N SER A 24 -25.97 -10.89 21.40
CA SER A 24 -26.66 -12.04 20.83
C SER A 24 -26.56 -12.12 19.31
N ILE A 25 -26.40 -13.35 18.82
CA ILE A 25 -26.26 -13.62 17.41
C ILE A 25 -27.63 -13.76 16.77
N ASP A 26 -27.95 -12.89 15.82
CA ASP A 26 -29.24 -12.97 15.13
C ASP A 26 -29.38 -14.28 14.35
N GLY A 27 -30.54 -14.93 14.49
CA GLY A 27 -30.82 -16.16 13.78
C GLY A 27 -30.47 -17.42 14.56
N TRP A 28 -30.42 -17.31 15.88
CA TRP A 28 -30.12 -18.46 16.73
C TRP A 28 -31.25 -18.79 17.71
N SER A 37 -36.56 -20.19 16.89
CA SER A 37 -36.41 -21.63 16.72
C SER A 37 -35.39 -22.19 17.71
N SER A 38 -35.70 -23.36 18.27
CA SER A 38 -34.75 -24.03 19.17
C SER A 38 -33.95 -25.18 18.54
N ASN A 39 -34.19 -25.49 17.27
CA ASN A 39 -33.39 -26.53 16.62
C ASN A 39 -32.17 -25.89 16.00
N CYS A 40 -31.00 -26.21 16.55
CA CYS A 40 -29.79 -25.47 16.24
C CYS A 40 -29.20 -25.84 14.88
N CYS A 41 -29.61 -26.99 14.35
CA CYS A 41 -29.12 -27.41 13.04
C CYS A 41 -29.70 -26.56 11.91
N ASP A 42 -30.76 -25.82 12.22
CA ASP A 42 -31.30 -24.80 11.31
C ASP A 42 -30.86 -23.36 11.64
N TRP A 43 -29.99 -23.19 12.65
CA TRP A 43 -29.46 -21.87 12.97
C TRP A 43 -28.51 -21.36 11.88
N VAL A 44 -28.38 -20.04 11.78
CA VAL A 44 -27.50 -19.45 10.76
C VAL A 44 -26.04 -19.42 11.20
N GLY A 45 -25.20 -20.07 10.41
CA GLY A 45 -23.78 -20.15 10.71
C GLY A 45 -23.39 -21.52 11.21
N ILE A 46 -24.36 -22.43 11.26
CA ILE A 46 -24.11 -23.79 11.73
C ILE A 46 -24.47 -24.82 10.67
N SER A 47 -23.66 -25.89 10.59
CA SER A 47 -23.94 -27.00 9.67
C SER A 47 -23.88 -28.32 10.43
N CYS A 48 -24.85 -29.20 10.15
CA CYS A 48 -24.94 -30.49 10.81
C CYS A 48 -24.80 -31.66 9.85
N LYS A 49 -24.28 -32.78 10.36
CA LYS A 49 -24.25 -34.04 9.60
C LYS A 49 -24.54 -35.24 10.52
N SER A 50 -25.42 -36.13 10.09
CA SER A 50 -25.99 -37.17 10.94
C SER A 50 -24.93 -38.05 11.58
N SER A 51 -25.23 -38.57 12.77
CA SER A 51 -24.29 -39.43 13.49
C SER A 51 -23.94 -40.68 12.69
N VAL A 52 -24.93 -41.19 11.96
CA VAL A 52 -24.72 -42.37 11.13
C VAL A 52 -24.01 -42.02 9.81
N SER A 53 -24.18 -40.79 9.33
CA SER A 53 -23.36 -40.29 8.23
C SER A 53 -21.90 -40.41 8.64
N LEU A 54 -21.55 -39.80 9.76
CA LEU A 54 -20.18 -39.82 10.26
C LEU A 54 -19.84 -41.18 10.85
N GLY A 55 -20.85 -42.04 10.97
CA GLY A 55 -20.68 -43.38 11.48
C GLY A 55 -20.10 -43.44 12.87
N VAL A 59 -26.62 -46.71 18.28
CA VAL A 59 -28.00 -46.94 17.88
C VAL A 59 -28.79 -45.64 17.79
N ASN A 60 -28.42 -44.70 18.65
CA ASN A 60 -29.03 -43.37 18.64
C ASN A 60 -28.37 -42.48 17.59
N GLU A 61 -29.17 -41.77 16.80
CA GLU A 61 -28.65 -40.89 15.75
C GLU A 61 -29.20 -39.46 15.83
N SER A 62 -28.26 -38.52 15.82
CA SER A 62 -28.58 -37.10 15.98
C SER A 62 -27.74 -36.28 15.02
N GLY A 63 -28.09 -35.01 14.87
CA GLY A 63 -27.22 -34.07 14.17
C GLY A 63 -26.00 -33.66 14.98
N ARG A 64 -24.82 -33.73 14.39
CA ARG A 64 -23.60 -33.24 15.02
C ARG A 64 -23.22 -31.92 14.37
N VAL A 65 -22.57 -31.04 15.11
CA VAL A 65 -22.16 -29.77 14.51
C VAL A 65 -20.78 -29.97 13.92
N VAL A 66 -20.74 -30.05 12.59
CA VAL A 66 -19.51 -30.12 11.81
C VAL A 66 -18.88 -28.76 11.45
N GLU A 67 -19.73 -27.75 11.22
CA GLU A 67 -19.24 -26.44 10.82
C GLU A 67 -19.92 -25.28 11.55
N LEU A 68 -19.12 -24.47 12.25
CA LEU A 68 -19.61 -23.25 12.86
C LEU A 68 -18.96 -22.02 12.20
N GLU A 69 -19.71 -21.30 11.37
CA GLU A 69 -19.12 -20.16 10.66
C GLU A 69 -19.74 -18.81 11.03
N LEU A 70 -19.00 -18.08 11.84
CA LEU A 70 -19.39 -16.78 12.35
C LEU A 70 -18.71 -15.52 11.77
N GLY A 71 -17.95 -15.67 10.70
CA GLY A 71 -17.19 -14.55 10.15
C GLY A 71 -17.94 -13.24 9.91
N ARG A 72 -17.31 -12.13 10.33
CA ARG A 72 -17.88 -10.78 10.17
C ARG A 72 -19.28 -10.66 10.77
N ARG A 73 -19.47 -11.21 11.96
CA ARG A 73 -20.75 -11.11 12.68
C ARG A 73 -20.79 -10.04 13.77
N LYS A 74 -19.74 -9.22 13.84
CA LYS A 74 -19.60 -8.19 14.87
C LYS A 74 -19.63 -8.79 16.28
N LEU A 75 -19.07 -9.98 16.43
CA LEU A 75 -19.04 -10.66 17.72
C LEU A 75 -17.99 -10.06 18.65
N SER A 76 -18.27 -10.13 19.95
CA SER A 76 -17.35 -9.64 20.96
C SER A 76 -17.42 -10.55 22.18
N GLY A 77 -16.29 -10.78 22.83
CA GLY A 77 -16.27 -11.60 24.04
C GLY A 77 -15.01 -12.43 24.15
N LYS A 78 -15.00 -13.39 25.08
CA LYS A 78 -13.98 -14.43 25.07
C LYS A 78 -14.49 -15.52 24.14
N LEU A 79 -13.68 -16.55 23.91
CA LEU A 79 -14.10 -17.71 23.14
C LEU A 79 -14.19 -18.90 24.07
N SER A 80 -15.43 -19.31 24.37
CA SER A 80 -15.66 -20.27 25.45
C SER A 80 -14.90 -21.57 25.28
N GLU A 81 -14.33 -22.04 26.38
CA GLU A 81 -13.65 -23.32 26.46
C GLU A 81 -14.53 -24.45 25.94
N SER A 82 -15.85 -24.29 26.06
CA SER A 82 -16.79 -25.35 25.72
C SER A 82 -16.85 -25.67 24.22
N VAL A 83 -16.42 -24.75 23.37
CA VAL A 83 -16.40 -24.99 21.93
C VAL A 83 -15.57 -26.22 21.58
N ALA A 84 -14.64 -26.57 22.46
CA ALA A 84 -13.87 -27.81 22.31
C ALA A 84 -14.69 -29.08 22.62
N LYS A 85 -15.92 -28.91 23.11
CA LYS A 85 -16.81 -30.04 23.37
C LYS A 85 -17.67 -30.44 22.16
N LEU A 86 -17.49 -29.77 21.03
CA LEU A 86 -18.05 -30.28 19.79
C LEU A 86 -16.96 -31.10 19.13
N ASP A 87 -17.05 -32.42 19.21
CA ASP A 87 -15.92 -33.25 18.76
C ASP A 87 -15.96 -33.49 17.26
N GLN A 88 -17.15 -33.36 16.68
CA GLN A 88 -17.35 -33.63 15.28
C GLN A 88 -17.14 -32.37 14.46
N LEU A 89 -16.70 -31.31 15.14
CA LEU A 89 -16.40 -30.05 14.47
C LEU A 89 -15.26 -30.23 13.46
N LYS A 90 -15.56 -29.86 12.22
CA LYS A 90 -14.67 -29.97 11.06
C LYS A 90 -14.05 -28.59 10.72
N VAL A 91 -14.94 -27.62 10.49
CA VAL A 91 -14.56 -26.23 10.23
C VAL A 91 -15.06 -25.20 11.28
N LEU A 92 -14.15 -24.47 11.92
CA LEU A 92 -14.49 -23.32 12.77
C LEU A 92 -13.94 -22.02 12.18
N ASN A 93 -14.81 -21.16 11.65
CA ASN A 93 -14.40 -19.89 11.05
C ASN A 93 -14.95 -18.73 11.88
N LEU A 94 -14.06 -18.10 12.66
CA LEU A 94 -14.35 -16.93 13.48
C LEU A 94 -13.86 -15.60 12.91
N THR A 95 -13.43 -15.59 11.66
CA THR A 95 -12.72 -14.43 11.12
C THR A 95 -13.42 -13.07 11.24
N HIS A 96 -12.61 -12.03 11.36
CA HIS A 96 -13.08 -10.65 11.38
C HIS A 96 -14.16 -10.43 12.41
N ASN A 97 -13.76 -10.53 13.67
CA ASN A 97 -14.63 -10.15 14.78
C ASN A 97 -13.81 -9.44 15.88
N SER A 98 -14.47 -9.15 16.99
CA SER A 98 -13.84 -8.52 18.15
C SER A 98 -13.45 -9.44 19.31
N LEU A 99 -13.56 -10.74 19.10
CA LEU A 99 -13.23 -11.72 20.14
C LEU A 99 -11.83 -11.52 20.69
N SER A 100 -11.67 -11.79 21.98
CA SER A 100 -10.40 -11.60 22.65
C SER A 100 -10.21 -12.65 23.73
N GLY A 101 -9.19 -12.46 24.56
CA GLY A 101 -8.85 -13.45 25.56
C GLY A 101 -7.85 -14.41 24.98
N SER A 102 -7.76 -15.61 25.54
CA SER A 102 -6.76 -16.57 25.11
C SER A 102 -7.41 -17.75 24.40
N ILE A 103 -6.59 -18.69 23.96
CA ILE A 103 -7.13 -19.88 23.32
C ILE A 103 -6.97 -21.06 24.27
N ALA A 104 -8.08 -21.75 24.52
CA ALA A 104 -8.05 -22.93 25.38
C ALA A 104 -7.17 -23.98 24.74
N ALA A 105 -6.30 -24.59 25.55
CA ALA A 105 -5.43 -25.68 25.07
C ALA A 105 -6.22 -26.74 24.30
N SER A 106 -7.41 -27.06 24.80
CA SER A 106 -8.24 -28.10 24.21
C SER A 106 -8.73 -27.80 22.78
N LEU A 107 -8.79 -26.52 22.45
CA LEU A 107 -9.27 -26.12 21.13
C LEU A 107 -8.30 -26.55 20.01
N LEU A 108 -7.07 -26.85 20.40
CA LEU A 108 -6.11 -27.43 19.47
C LEU A 108 -5.97 -28.95 19.56
N ASN A 109 -6.79 -29.58 20.41
CA ASN A 109 -6.80 -31.04 20.55
C ASN A 109 -7.90 -31.75 19.72
N LEU A 110 -8.75 -30.98 19.05
CA LEU A 110 -9.84 -31.53 18.24
C LEU A 110 -9.32 -32.41 17.11
N SER A 111 -9.75 -33.67 17.05
CA SER A 111 -9.22 -34.56 16.03
C SER A 111 -10.01 -34.61 14.72
N ASN A 112 -11.16 -33.95 14.69
CA ASN A 112 -11.86 -33.83 13.42
C ASN A 112 -11.68 -32.50 12.71
N LEU A 113 -10.96 -31.58 13.36
CA LEU A 113 -10.85 -30.22 12.85
C LEU A 113 -10.02 -30.16 11.57
N GLU A 114 -10.61 -29.57 10.55
CA GLU A 114 -10.00 -29.42 9.22
C GLU A 114 -9.52 -28.00 8.99
N VAL A 115 -10.44 -27.05 9.11
CA VAL A 115 -10.16 -25.61 8.94
C VAL A 115 -10.29 -24.80 10.24
N LEU A 116 -9.21 -24.19 10.70
CA LEU A 116 -9.29 -23.29 11.85
C LEU A 116 -8.98 -21.86 11.44
N ASP A 117 -9.99 -21.00 11.39
CA ASP A 117 -9.76 -19.59 11.06
C ASP A 117 -10.14 -18.64 12.20
N LEU A 118 -9.13 -18.18 12.94
CA LEU A 118 -9.31 -17.22 14.02
C LEU A 118 -8.92 -15.79 13.63
N SER A 119 -8.56 -15.60 12.38
CA SER A 119 -7.91 -14.36 11.92
C SER A 119 -8.73 -13.09 12.09
N SER A 120 -8.01 -11.98 12.31
CA SER A 120 -8.59 -10.65 12.51
C SER A 120 -9.50 -10.56 13.72
N ASN A 121 -8.91 -10.78 14.89
CA ASN A 121 -9.62 -10.68 16.15
C ASN A 121 -8.63 -10.14 17.15
N ASP A 122 -9.04 -10.09 18.41
CA ASP A 122 -8.19 -9.57 19.49
C ASP A 122 -7.46 -10.57 20.37
N PHE A 123 -7.48 -11.85 20.00
CA PHE A 123 -6.87 -12.91 20.83
C PHE A 123 -5.41 -12.63 21.24
N SER A 124 -5.06 -13.01 22.45
CA SER A 124 -3.72 -12.75 22.97
C SER A 124 -3.31 -13.89 23.88
N GLY A 125 -2.19 -13.72 24.58
CA GLY A 125 -1.63 -14.79 25.37
C GLY A 125 -0.60 -15.56 24.57
N LEU A 126 0.00 -16.57 25.19
CA LEU A 126 0.86 -17.48 24.46
C LEU A 126 -0.04 -18.26 23.55
N PHE A 127 0.50 -18.76 22.46
CA PHE A 127 -0.25 -19.68 21.65
C PHE A 127 -0.01 -21.10 22.17
N PRO A 128 -1.10 -21.85 22.32
CA PRO A 128 -1.04 -23.19 22.92
C PRO A 128 0.03 -24.05 22.26
N SER A 129 0.91 -24.61 23.08
CA SER A 129 2.13 -25.21 22.56
C SER A 129 1.88 -26.59 21.97
N LEU A 130 0.90 -27.30 22.51
CA LEU A 130 0.57 -28.60 21.97
C LEU A 130 -0.61 -28.51 21.00
N ILE A 131 -0.30 -28.78 19.74
CA ILE A 131 -1.28 -28.79 18.66
C ILE A 131 -1.39 -30.19 18.10
N ASN A 132 -2.52 -30.87 18.37
CA ASN A 132 -2.83 -32.12 17.69
C ASN A 132 -4.05 -31.98 16.86
N LEU A 133 -3.87 -31.87 15.55
CA LEU A 133 -4.98 -31.66 14.63
C LEU A 133 -4.67 -32.50 13.41
N PRO A 134 -4.72 -33.82 13.57
CA PRO A 134 -4.25 -34.76 12.55
C PRO A 134 -5.01 -34.60 11.25
N SER A 135 -6.18 -33.98 11.29
CA SER A 135 -6.96 -33.74 10.07
C SER A 135 -6.88 -32.33 9.46
N LEU A 136 -6.13 -31.44 10.09
CA LEU A 136 -6.18 -30.02 9.72
C LEU A 136 -5.54 -29.72 8.36
N ARG A 137 -6.33 -29.11 7.46
CA ARG A 137 -5.81 -28.52 6.23
C ARG A 137 -5.28 -27.09 6.42
N VAL A 138 -5.98 -26.28 7.22
CA VAL A 138 -5.71 -24.84 7.29
C VAL A 138 -5.66 -24.25 8.71
N LEU A 139 -4.59 -23.51 9.01
CA LEU A 139 -4.46 -22.83 10.30
C LEU A 139 -4.34 -21.30 10.16
N ASN A 140 -5.36 -20.54 10.57
CA ASN A 140 -5.32 -19.09 10.41
C ASN A 140 -5.49 -18.25 11.67
N VAL A 141 -4.37 -17.77 12.20
CA VAL A 141 -4.37 -16.83 13.31
C VAL A 141 -3.96 -15.41 12.90
N TYR A 142 -3.88 -15.20 11.60
CA TYR A 142 -3.38 -13.96 11.00
C TYR A 142 -4.02 -12.74 11.66
N GLU A 143 -3.19 -11.73 11.96
CA GLU A 143 -3.65 -10.48 12.59
C GLU A 143 -4.41 -10.65 13.92
N ASN A 144 -3.65 -11.00 14.96
CA ASN A 144 -4.12 -11.05 16.34
C ASN A 144 -3.04 -10.47 17.24
N SER A 145 -3.22 -10.63 18.54
CA SER A 145 -2.24 -10.22 19.54
C SER A 145 -1.37 -11.31 20.20
N PHE A 146 -1.39 -12.54 19.69
CA PHE A 146 -0.60 -13.64 20.28
C PHE A 146 0.87 -13.26 20.40
N HIS A 147 1.55 -13.79 21.40
CA HIS A 147 2.96 -13.48 21.58
C HIS A 147 3.74 -14.68 22.11
N GLY A 148 5.04 -14.52 22.28
CA GLY A 148 5.89 -15.62 22.71
C GLY A 148 6.36 -16.45 21.52
N LEU A 149 6.80 -17.68 21.78
CA LEU A 149 7.34 -18.52 20.71
C LEU A 149 6.29 -19.14 19.82
N ILE A 150 6.64 -19.33 18.56
CA ILE A 150 5.92 -20.25 17.71
C ILE A 150 6.14 -21.66 18.27
N PRO A 151 5.05 -22.38 18.54
CA PRO A 151 5.13 -23.69 19.21
C PRO A 151 6.14 -24.63 18.56
N ALA A 152 7.04 -25.17 19.37
CA ALA A 152 8.21 -25.88 18.88
C ALA A 152 7.84 -27.15 18.16
N SER A 153 6.77 -27.77 18.62
CA SER A 153 6.29 -29.05 18.08
C SER A 153 5.19 -28.89 17.04
N LEU A 154 4.93 -27.64 16.63
CA LEU A 154 3.78 -27.27 15.80
C LEU A 154 3.53 -28.20 14.63
N CYS A 155 4.61 -28.62 13.98
CA CYS A 155 4.50 -29.41 12.76
C CYS A 155 4.50 -30.92 12.97
N ASN A 156 4.80 -31.36 14.18
CA ASN A 156 4.95 -32.79 14.45
C ASN A 156 3.63 -33.55 14.38
N ASN A 157 2.54 -32.87 14.70
CA ASN A 157 1.19 -33.42 14.55
C ASN A 157 0.26 -33.04 13.39
N LEU A 158 0.77 -32.40 12.34
CA LEU A 158 -0.11 -31.93 11.26
C LEU A 158 0.20 -32.56 9.90
N PRO A 159 -0.07 -33.86 9.76
CA PRO A 159 0.32 -34.61 8.56
C PRO A 159 -0.50 -34.23 7.31
N ARG A 160 -1.66 -33.64 7.49
CA ARG A 160 -2.49 -33.21 6.37
C ARG A 160 -2.38 -31.71 6.03
N ILE A 161 -1.47 -30.99 6.71
CA ILE A 161 -1.45 -29.52 6.67
C ILE A 161 -1.07 -28.89 5.31
N ARG A 162 -1.75 -27.80 4.97
CA ARG A 162 -1.55 -27.11 3.67
C ARG A 162 -1.08 -25.65 3.84
N GLU A 163 -1.88 -24.83 4.53
CA GLU A 163 -1.52 -23.44 4.82
C GLU A 163 -1.40 -23.14 6.31
N ILE A 164 -0.26 -22.54 6.69
CA ILE A 164 -0.10 -21.95 8.03
C ILE A 164 0.07 -20.43 7.95
N ASP A 165 -0.84 -19.69 8.57
CA ASP A 165 -0.68 -18.25 8.62
C ASP A 165 -0.62 -17.73 10.06
N LEU A 166 0.58 -17.37 10.51
CA LEU A 166 0.82 -16.75 11.81
C LEU A 166 1.06 -15.26 11.71
N ALA A 167 0.90 -14.70 10.51
CA ALA A 167 1.32 -13.33 10.23
C ALA A 167 0.57 -12.29 11.06
N MET A 168 1.21 -11.12 11.22
CA MET A 168 0.63 -9.98 11.91
C MET A 168 0.32 -10.27 13.39
N ASN A 169 1.34 -10.74 14.10
CA ASN A 169 1.21 -11.03 15.53
C ASN A 169 2.48 -10.59 16.29
N TYR A 170 2.58 -11.01 17.54
CA TYR A 170 3.78 -10.76 18.34
C TYR A 170 4.78 -11.89 18.53
N PHE A 171 4.64 -12.96 17.74
CA PHE A 171 5.57 -14.08 17.86
C PHE A 171 7.02 -13.61 17.82
N ASP A 172 7.85 -14.20 18.67
CA ASP A 172 9.23 -13.77 18.73
C ASP A 172 10.14 -14.94 18.91
N GLY A 173 11.42 -14.67 19.10
CA GLY A 173 12.41 -15.73 19.12
C GLY A 173 12.72 -16.18 17.70
N SER A 174 13.52 -17.23 17.58
CA SER A 174 13.86 -17.78 16.27
C SER A 174 12.68 -18.54 15.71
N ILE A 175 12.66 -18.69 14.39
CA ILE A 175 11.79 -19.67 13.75
C ILE A 175 12.24 -21.05 14.21
N PRO A 176 11.31 -21.85 14.76
CA PRO A 176 11.59 -23.18 15.33
C PRO A 176 12.23 -24.17 14.37
N VAL A 177 13.29 -24.82 14.84
CA VAL A 177 13.97 -25.89 14.12
C VAL A 177 12.99 -26.99 13.68
N GLY A 178 11.86 -27.12 14.38
CA GLY A 178 10.90 -28.16 14.08
C GLY A 178 10.09 -27.91 12.83
N ILE A 179 10.35 -26.75 12.22
CA ILE A 179 9.61 -26.27 11.05
C ILE A 179 9.70 -27.20 9.84
N GLY A 180 10.73 -28.03 9.80
CA GLY A 180 10.91 -28.97 8.69
C GLY A 180 9.98 -30.15 8.73
N ASN A 181 9.43 -30.45 9.90
CA ASN A 181 8.55 -31.61 10.04
C ASN A 181 7.20 -31.37 9.35
N CYS A 182 7.04 -30.16 8.81
CA CYS A 182 5.81 -29.68 8.19
C CYS A 182 5.68 -29.98 6.69
N SER A 183 6.40 -31.01 6.25
CA SER A 183 6.70 -31.28 4.85
C SER A 183 5.57 -31.24 3.81
N SER A 184 4.31 -31.38 4.21
CA SER A 184 3.22 -31.23 3.26
C SER A 184 2.79 -29.77 3.00
N VAL A 185 3.31 -28.85 3.81
CA VAL A 185 2.83 -27.47 3.79
C VAL A 185 3.14 -26.75 2.49
N GLU A 186 2.23 -25.87 2.09
CA GLU A 186 2.37 -25.12 0.87
C GLU A 186 2.53 -23.62 1.15
N TYR A 187 1.55 -23.03 1.83
CA TYR A 187 1.64 -21.65 2.29
C TYR A 187 2.20 -21.58 3.70
N LEU A 188 3.32 -20.90 3.89
CA LEU A 188 3.71 -20.50 5.23
C LEU A 188 3.92 -18.98 5.39
N GLY A 189 2.93 -18.25 5.91
CA GLY A 189 3.17 -16.88 6.36
C GLY A 189 3.66 -16.68 7.78
N LEU A 190 4.89 -16.21 7.94
CA LEU A 190 5.42 -15.74 9.23
C LEU A 190 5.55 -14.22 9.35
N ALA A 191 5.05 -13.51 8.33
CA ALA A 191 5.28 -12.07 8.18
C ALA A 191 4.71 -11.19 9.31
N SER A 192 5.35 -10.04 9.53
CA SER A 192 4.90 -9.08 10.54
C SER A 192 4.78 -9.70 11.92
N ASN A 193 5.93 -10.06 12.48
CA ASN A 193 6.03 -10.56 13.84
C ASN A 193 7.30 -9.98 14.43
N ASN A 194 7.68 -10.44 15.62
CA ASN A 194 8.98 -10.11 16.22
C ASN A 194 10.12 -11.13 16.01
N LEU A 195 9.93 -12.10 15.11
CA LEU A 195 10.93 -13.13 14.86
C LEU A 195 12.33 -12.58 14.57
N SER A 196 13.36 -13.23 15.11
CA SER A 196 14.75 -12.80 14.90
C SER A 196 15.65 -14.00 14.66
N GLY A 197 16.94 -13.75 14.47
CA GLY A 197 17.89 -14.82 14.24
C GLY A 197 18.04 -15.24 12.80
N SER A 198 18.86 -16.26 12.57
CA SER A 198 19.03 -16.87 11.25
C SER A 198 17.86 -17.77 10.90
N ILE A 199 17.70 -18.05 9.62
CA ILE A 199 16.73 -19.05 9.19
C ILE A 199 17.34 -20.42 9.42
N PRO A 200 16.63 -21.29 10.15
CA PRO A 200 17.09 -22.67 10.31
C PRO A 200 17.15 -23.39 8.96
N GLN A 201 18.19 -24.19 8.75
CA GLN A 201 18.30 -24.98 7.53
C GLN A 201 17.11 -25.91 7.28
N GLU A 202 16.49 -26.38 8.36
CA GLU A 202 15.38 -27.33 8.26
C GLU A 202 14.28 -26.79 7.37
N LEU A 203 14.18 -25.46 7.32
CA LEU A 203 13.17 -24.78 6.53
C LEU A 203 13.28 -25.16 5.06
N PHE A 204 14.49 -25.39 4.60
CA PHE A 204 14.72 -25.61 3.18
C PHE A 204 14.42 -27.05 2.79
N GLN A 205 13.92 -27.81 3.77
CA GLN A 205 13.47 -29.17 3.52
C GLN A 205 12.00 -29.29 3.14
N LEU A 206 11.23 -28.20 3.19
CA LEU A 206 9.82 -28.33 2.86
C LEU A 206 9.70 -28.11 1.36
N SER A 207 9.49 -29.20 0.64
CA SER A 207 9.64 -29.17 -0.81
C SER A 207 8.35 -28.90 -1.55
N ASN A 208 7.23 -28.93 -0.85
CA ASN A 208 5.95 -28.64 -1.46
C ASN A 208 5.58 -27.15 -1.30
N LEU A 209 6.47 -26.37 -0.68
CA LEU A 209 6.15 -25.02 -0.26
C LEU A 209 6.17 -24.06 -1.45
N SER A 210 5.02 -23.48 -1.80
CA SER A 210 4.98 -22.52 -2.90
C SER A 210 4.95 -21.03 -2.51
N VAL A 211 4.64 -20.73 -1.25
CA VAL A 211 4.65 -19.34 -0.78
C VAL A 211 5.34 -19.25 0.57
N LEU A 212 6.34 -18.39 0.65
CA LEU A 212 7.07 -18.18 1.88
C LEU A 212 7.11 -16.70 2.17
N ALA A 213 6.39 -16.27 3.20
CA ALA A 213 6.39 -14.86 3.55
C ALA A 213 7.04 -14.61 4.94
N LEU A 214 8.27 -14.12 4.91
CA LEU A 214 9.01 -13.78 6.14
C LEU A 214 9.08 -12.27 6.41
N GLN A 215 8.40 -11.49 5.57
CA GLN A 215 8.64 -10.03 5.58
C GLN A 215 8.26 -9.35 6.90
N ASN A 216 8.94 -8.25 7.20
CA ASN A 216 8.72 -7.46 8.40
C ASN A 216 8.96 -8.19 9.71
N ASN A 217 10.22 -8.58 9.90
CA ASN A 217 10.68 -9.21 11.12
C ASN A 217 12.07 -8.66 11.43
N ARG A 218 12.70 -9.21 12.45
CA ARG A 218 14.08 -8.87 12.81
C ARG A 218 15.13 -9.88 12.30
N LEU A 219 14.71 -10.83 11.45
CA LEU A 219 15.56 -11.94 10.97
C LEU A 219 16.85 -11.45 10.35
N SER A 220 17.94 -12.17 10.58
CA SER A 220 19.25 -11.74 10.11
C SER A 220 20.10 -12.88 9.56
N GLY A 221 21.35 -12.56 9.25
CA GLY A 221 22.27 -13.55 8.72
C GLY A 221 22.22 -13.72 7.21
N ALA A 222 22.75 -14.81 6.72
CA ALA A 222 22.78 -15.08 5.31
C ALA A 222 21.53 -15.65 4.79
N LEU A 223 21.34 -15.49 3.50
CA LEU A 223 20.33 -16.25 2.78
C LEU A 223 21.07 -17.42 2.12
N SER A 224 20.79 -18.63 2.61
CA SER A 224 21.56 -19.82 2.26
C SER A 224 21.42 -20.26 0.80
N SER A 225 22.47 -20.88 0.25
CA SER A 225 22.36 -21.59 -1.02
C SER A 225 21.22 -22.58 -0.96
N LYS A 226 20.95 -23.10 0.23
CA LYS A 226 19.96 -24.15 0.39
C LYS A 226 18.56 -23.71 -0.05
N LEU A 227 18.37 -22.40 -0.18
CA LEU A 227 17.13 -21.86 -0.76
C LEU A 227 16.81 -22.53 -2.10
N GLY A 228 17.86 -22.87 -2.86
CA GLY A 228 17.70 -23.60 -4.11
C GLY A 228 16.87 -24.87 -3.97
N LYS A 229 16.88 -25.46 -2.77
CA LYS A 229 16.11 -26.68 -2.52
C LYS A 229 14.60 -26.47 -2.54
N LEU A 230 14.12 -25.22 -2.47
CA LEU A 230 12.68 -25.08 -2.48
C LEU A 230 12.28 -24.74 -3.90
N SER A 231 11.92 -25.79 -4.62
CA SER A 231 11.85 -25.73 -6.07
C SER A 231 10.43 -25.50 -6.53
N ASN A 232 9.50 -25.46 -5.58
CA ASN A 232 8.11 -25.15 -5.88
C ASN A 232 7.75 -23.73 -5.53
N LEU A 233 8.74 -22.98 -5.08
CA LEU A 233 8.50 -21.64 -4.58
C LEU A 233 8.06 -20.78 -5.77
N GLY A 234 6.85 -20.22 -5.70
CA GLY A 234 6.44 -19.18 -6.61
C GLY A 234 6.53 -17.73 -6.10
N ARG A 235 6.34 -17.55 -4.79
CA ARG A 235 6.31 -16.21 -4.17
C ARG A 235 7.17 -16.22 -2.90
N LEU A 236 8.21 -15.39 -2.86
CA LEU A 236 9.09 -15.34 -1.71
C LEU A 236 9.29 -13.91 -1.22
N ASP A 237 8.77 -13.57 -0.04
CA ASP A 237 9.00 -12.22 0.48
C ASP A 237 9.84 -12.25 1.75
N ILE A 238 11.10 -11.88 1.63
CA ILE A 238 12.00 -11.69 2.76
C ILE A 238 12.25 -10.22 3.11
N SER A 239 11.47 -9.32 2.51
CA SER A 239 11.72 -7.89 2.66
C SER A 239 11.59 -7.40 4.11
N SER A 240 12.23 -6.26 4.42
CA SER A 240 12.25 -5.63 5.76
C SER A 240 12.82 -6.50 6.89
N ASN A 241 14.09 -6.85 6.75
CA ASN A 241 14.77 -7.65 7.74
C ASN A 241 16.20 -7.15 7.90
N LYS A 242 16.98 -7.91 8.64
CA LYS A 242 18.40 -7.68 8.81
C LYS A 242 19.29 -8.57 7.93
N PHE A 243 18.72 -9.29 6.97
CA PHE A 243 19.51 -10.18 6.09
C PHE A 243 20.70 -9.47 5.44
N SER A 244 21.86 -10.13 5.40
CA SER A 244 23.08 -9.55 4.86
C SER A 244 23.90 -10.48 3.94
N GLY A 245 25.00 -9.94 3.42
CA GLY A 245 25.85 -10.68 2.50
C GLY A 245 25.31 -10.67 1.09
N LYS A 246 25.74 -11.64 0.30
CA LYS A 246 25.38 -11.72 -1.11
C LYS A 246 24.08 -12.49 -1.34
N ILE A 247 23.30 -12.08 -2.33
CA ILE A 247 22.15 -12.89 -2.72
C ILE A 247 22.69 -14.12 -3.40
N PRO A 248 22.33 -15.30 -2.88
CA PRO A 248 22.89 -16.61 -3.34
C PRO A 248 22.57 -16.88 -4.80
N ASP A 249 23.45 -17.51 -5.57
CA ASP A 249 23.15 -17.59 -6.99
C ASP A 249 22.46 -18.91 -7.17
N VAL A 250 21.17 -18.89 -6.84
CA VAL A 250 20.35 -20.08 -6.80
C VAL A 250 19.20 -20.16 -7.79
N PHE A 251 19.03 -19.11 -8.57
CA PHE A 251 17.78 -18.90 -9.28
C PHE A 251 17.54 -19.79 -10.48
N LEU A 252 18.54 -20.57 -10.87
CA LEU A 252 18.36 -21.59 -11.89
C LEU A 252 17.39 -22.66 -11.40
N GLU A 253 17.52 -23.06 -10.14
CA GLU A 253 16.68 -24.11 -9.61
C GLU A 253 15.31 -23.62 -9.17
N LEU A 254 15.16 -22.31 -8.93
CA LEU A 254 13.85 -21.92 -8.45
C LEU A 254 13.15 -21.47 -9.71
N ASN A 255 12.51 -22.44 -10.36
CA ASN A 255 12.07 -22.25 -11.73
C ASN A 255 10.58 -22.00 -11.85
N LYS A 256 9.89 -22.08 -10.71
CA LYS A 256 8.52 -21.65 -10.65
C LYS A 256 8.38 -20.27 -10.03
N LEU A 257 9.49 -19.65 -9.59
CA LEU A 257 9.40 -18.44 -8.77
C LEU A 257 9.09 -17.21 -9.62
N TRP A 258 7.90 -16.64 -9.41
CA TRP A 258 7.48 -15.43 -10.12
C TRP A 258 7.56 -14.10 -9.31
N TYR A 259 7.66 -14.19 -7.99
CA TYR A 259 7.60 -13.02 -7.13
C TYR A 259 8.73 -13.11 -6.13
N PHE A 260 9.68 -12.19 -6.20
CA PHE A 260 10.73 -12.16 -5.20
C PHE A 260 11.00 -10.74 -4.69
N SER A 261 10.69 -10.48 -3.41
CA SER A 261 11.00 -9.20 -2.81
C SER A 261 11.96 -9.34 -1.63
N ALA A 262 13.19 -8.86 -1.84
CA ALA A 262 14.22 -8.75 -0.81
C ALA A 262 14.39 -7.34 -0.30
N GLN A 263 13.49 -6.44 -0.68
CA GLN A 263 13.68 -5.01 -0.39
C GLN A 263 13.92 -4.68 1.10
N SER A 264 14.73 -3.65 1.33
CA SER A 264 15.07 -3.18 2.69
C SER A 264 15.75 -4.22 3.58
N ASN A 265 16.95 -4.62 3.15
CA ASN A 265 17.80 -5.52 3.91
C ASN A 265 19.22 -4.99 3.79
N LEU A 266 20.19 -5.75 4.25
CA LEU A 266 21.60 -5.40 4.19
C LEU A 266 22.40 -6.03 3.05
N PHE A 267 21.72 -6.64 2.07
CA PHE A 267 22.42 -7.33 0.98
C PHE A 267 23.42 -6.44 0.25
N ASN A 268 24.47 -7.09 -0.26
CA ASN A 268 25.54 -6.40 -0.97
C ASN A 268 26.02 -7.25 -2.12
N GLY A 269 27.13 -6.87 -2.76
CA GLY A 269 27.64 -7.61 -3.89
C GLY A 269 26.81 -7.25 -5.09
N GLU A 270 26.98 -7.95 -6.20
CA GLU A 270 26.06 -7.69 -7.30
C GLU A 270 25.02 -8.80 -7.45
N MET A 271 24.05 -8.56 -8.34
CA MET A 271 22.98 -9.50 -8.53
C MET A 271 23.56 -10.73 -9.18
N PRO A 272 23.13 -11.92 -8.70
CA PRO A 272 23.62 -13.18 -9.29
C PRO A 272 23.14 -13.36 -10.73
N ARG A 273 24.02 -13.90 -11.55
CA ARG A 273 23.73 -14.14 -12.97
C ARG A 273 22.42 -14.91 -13.19
N SER A 274 22.12 -15.87 -12.31
CA SER A 274 20.92 -16.68 -12.51
C SER A 274 19.67 -15.87 -12.29
N LEU A 275 19.78 -14.83 -11.48
CA LEU A 275 18.63 -13.96 -11.25
C LEU A 275 18.45 -13.07 -12.49
N SER A 276 19.56 -12.63 -13.04
CA SER A 276 19.56 -11.88 -14.28
C SER A 276 19.04 -12.76 -15.41
N ASN A 277 19.10 -14.08 -15.25
CA ASN A 277 18.61 -15.01 -16.27
C ASN A 277 17.28 -15.74 -16.06
N SER A 278 16.60 -15.45 -14.96
CA SER A 278 15.38 -16.18 -14.63
C SER A 278 14.31 -16.08 -15.71
N ARG A 279 13.78 -17.23 -16.12
CA ARG A 279 12.69 -17.29 -17.07
C ARG A 279 11.37 -17.00 -16.35
N SER A 280 11.30 -17.37 -15.06
CA SER A 280 10.06 -17.23 -14.28
C SER A 280 9.80 -15.89 -13.59
N ILE A 281 10.85 -15.25 -13.07
CA ILE A 281 10.67 -14.05 -12.25
C ILE A 281 9.80 -12.99 -12.95
N SER A 282 8.83 -12.46 -12.22
CA SER A 282 7.86 -11.52 -12.78
C SER A 282 7.95 -10.19 -12.05
N LEU A 283 7.73 -10.21 -10.74
CA LEU A 283 7.95 -9.05 -9.90
C LEU A 283 9.22 -9.26 -9.12
N LEU A 284 10.19 -8.39 -9.34
CA LEU A 284 11.46 -8.44 -8.63
C LEU A 284 11.63 -7.12 -7.89
N SER A 285 11.82 -7.18 -6.59
CA SER A 285 12.07 -5.97 -5.84
C SER A 285 13.29 -6.12 -4.95
N LEU A 286 14.37 -5.45 -5.34
CA LEU A 286 15.57 -5.39 -4.53
C LEU A 286 15.81 -4.07 -3.78
N ARG A 287 14.84 -3.14 -3.81
CA ARG A 287 15.13 -1.76 -3.37
C ARG A 287 15.60 -1.62 -1.92
N ASN A 288 16.37 -0.56 -1.66
CA ASN A 288 16.87 -0.25 -0.32
C ASN A 288 17.79 -1.33 0.31
N ASN A 289 18.66 -1.90 -0.52
CA ASN A 289 19.79 -2.68 -0.04
C ASN A 289 21.04 -1.91 -0.41
N THR A 290 22.23 -2.47 -0.22
CA THR A 290 23.35 -1.84 -0.91
C THR A 290 24.00 -2.79 -1.90
N LEU A 291 23.58 -2.71 -3.15
CA LEU A 291 24.00 -3.66 -4.16
C LEU A 291 24.85 -2.90 -5.16
N SER A 292 26.06 -3.40 -5.44
CA SER A 292 27.00 -2.66 -6.27
C SER A 292 27.10 -3.23 -7.68
N GLY A 293 27.97 -2.65 -8.49
CA GLY A 293 28.23 -3.13 -9.83
C GLY A 293 27.35 -2.43 -10.84
N GLN A 294 27.29 -3.00 -12.04
CA GLN A 294 26.47 -2.46 -13.12
C GLN A 294 25.18 -3.26 -13.16
N ILE A 295 24.03 -2.60 -13.30
CA ILE A 295 22.79 -3.35 -13.45
C ILE A 295 22.87 -4.13 -14.75
N TYR A 296 22.58 -5.43 -14.67
CA TYR A 296 22.55 -6.27 -15.85
C TYR A 296 21.35 -7.21 -15.83
N LEU A 297 20.65 -7.26 -16.96
CA LEU A 297 19.55 -8.19 -17.16
C LEU A 297 19.70 -8.79 -18.54
N ASN A 298 19.58 -10.11 -18.64
CA ASN A 298 19.60 -10.72 -19.96
C ASN A 298 18.12 -10.72 -20.35
N CYS A 299 17.76 -9.80 -21.24
CA CYS A 299 16.37 -9.48 -21.50
C CYS A 299 15.74 -10.45 -22.48
N SER A 300 16.58 -11.23 -23.16
CA SER A 300 16.10 -12.34 -23.96
C SER A 300 15.80 -13.56 -23.09
N ALA A 301 16.41 -13.64 -21.91
CA ALA A 301 16.04 -14.65 -20.90
C ALA A 301 14.81 -14.27 -20.06
N MET A 302 14.76 -13.06 -19.51
CA MET A 302 13.75 -12.84 -18.49
C MET A 302 12.53 -12.37 -19.21
N THR A 303 11.68 -13.31 -19.54
CA THR A 303 10.55 -13.04 -20.43
C THR A 303 9.27 -12.90 -19.66
N ASN A 304 9.37 -13.11 -18.36
CA ASN A 304 8.23 -12.96 -17.49
C ASN A 304 8.27 -11.65 -16.71
N LEU A 305 9.35 -10.87 -16.87
CA LEU A 305 9.62 -9.72 -16.01
C LEU A 305 8.65 -8.56 -16.23
N THR A 306 7.99 -8.13 -15.17
CA THR A 306 6.91 -7.17 -15.25
C THR A 306 7.23 -5.93 -14.43
N SER A 307 7.45 -6.15 -13.13
CA SER A 307 7.91 -5.06 -12.28
C SER A 307 9.36 -5.27 -11.86
N LEU A 308 10.15 -4.21 -11.94
CA LEU A 308 11.55 -4.26 -11.56
C LEU A 308 11.86 -3.06 -10.67
N ASP A 309 12.23 -3.31 -9.41
CA ASP A 309 12.55 -2.21 -8.52
C ASP A 309 13.98 -2.34 -8.00
N LEU A 310 14.87 -1.49 -8.51
CA LEU A 310 16.25 -1.47 -8.03
C LEU A 310 16.58 -0.31 -7.10
N ALA A 311 15.58 0.48 -6.78
CA ALA A 311 15.77 1.81 -6.19
C ALA A 311 16.61 1.79 -4.94
N SER A 312 17.33 2.88 -4.70
CA SER A 312 18.07 3.11 -3.45
C SER A 312 19.11 2.02 -3.21
N ASN A 313 20.10 1.98 -4.09
CA ASN A 313 21.11 0.93 -4.05
C ASN A 313 22.42 1.47 -4.58
N SER A 314 23.49 0.75 -4.36
CA SER A 314 24.86 1.25 -4.58
C SER A 314 25.42 1.11 -6.00
N PHE A 315 24.57 0.78 -6.96
CA PHE A 315 25.00 0.53 -8.35
C PHE A 315 25.82 1.66 -8.94
N SER A 316 26.76 1.28 -9.79
CA SER A 316 27.56 2.20 -10.54
C SER A 316 27.25 1.96 -12.02
N GLY A 317 27.97 2.67 -12.89
CA GLY A 317 27.84 2.46 -14.32
C GLY A 317 26.73 3.31 -14.89
N SER A 318 26.09 2.79 -15.94
CA SER A 318 25.06 3.54 -16.65
C SER A 318 23.72 2.86 -16.58
N ILE A 319 22.72 3.52 -17.12
CA ILE A 319 21.40 2.93 -17.26
C ILE A 319 21.53 1.87 -18.33
N PRO A 320 21.18 0.62 -18.00
CA PRO A 320 21.34 -0.45 -19.00
C PRO A 320 20.42 -0.20 -20.19
N SER A 321 21.01 -0.16 -21.38
CA SER A 321 20.27 0.27 -22.56
C SER A 321 19.59 -0.91 -23.24
N ASN A 322 19.84 -2.10 -22.73
CA ASN A 322 19.28 -3.30 -23.32
C ASN A 322 17.85 -3.50 -22.81
N LEU A 323 17.49 -2.73 -21.79
CA LEU A 323 16.19 -2.89 -21.10
C LEU A 323 14.92 -2.84 -21.95
N PRO A 324 14.86 -1.97 -22.98
CA PRO A 324 13.64 -1.94 -23.80
C PRO A 324 13.35 -3.26 -24.53
N ASN A 325 14.32 -4.15 -24.59
CA ASN A 325 14.13 -5.50 -25.13
C ASN A 325 13.30 -6.42 -24.24
N CYS A 326 13.02 -6.01 -23.02
CA CYS A 326 12.19 -6.82 -22.13
C CYS A 326 10.75 -6.63 -22.55
N LEU A 327 10.11 -7.69 -23.00
CA LEU A 327 8.81 -7.56 -23.66
C LEU A 327 7.63 -7.50 -22.71
N ARG A 328 7.80 -7.96 -21.49
CA ARG A 328 6.71 -7.84 -20.53
C ARG A 328 6.90 -6.68 -19.53
N LEU A 329 8.02 -5.98 -19.63
CA LEU A 329 8.41 -5.10 -18.54
C LEU A 329 7.61 -3.81 -18.54
N LYS A 330 6.81 -3.63 -17.50
CA LYS A 330 5.80 -2.59 -17.44
C LYS A 330 6.26 -1.45 -16.54
N THR A 331 6.49 -1.77 -15.28
CA THR A 331 6.85 -0.72 -14.35
C THR A 331 8.32 -0.85 -13.93
N ILE A 332 9.03 0.27 -13.75
CA ILE A 332 10.46 0.33 -13.38
C ILE A 332 10.78 1.38 -12.34
N ASN A 333 11.34 1.01 -11.23
CA ASN A 333 11.78 2.04 -10.26
C ASN A 333 13.29 2.08 -10.09
N PHE A 334 13.89 3.11 -10.66
CA PHE A 334 15.33 3.36 -10.60
C PHE A 334 15.74 4.49 -9.65
N ALA A 335 14.80 4.97 -8.84
CA ALA A 335 15.07 6.08 -7.93
C ALA A 335 16.26 5.85 -6.97
N LYS A 336 16.90 6.95 -6.57
CA LYS A 336 18.01 6.92 -5.62
C LYS A 336 19.14 5.95 -6.00
N ILE A 337 19.44 5.89 -7.30
CA ILE A 337 20.60 5.19 -7.80
C ILE A 337 21.35 6.29 -8.48
N LYS A 338 22.62 6.52 -8.20
CA LYS A 338 23.23 7.68 -8.85
C LYS A 338 24.07 7.30 -10.05
N PHE A 339 23.44 7.54 -11.20
CA PHE A 339 23.98 7.25 -12.52
C PHE A 339 24.92 8.33 -13.05
N ILE A 340 24.51 9.60 -12.87
CA ILE A 340 25.14 10.74 -13.56
C ILE A 340 25.22 10.48 -15.06
N ALA A 341 24.05 10.42 -15.70
CA ALA A 341 23.97 9.99 -17.07
C ALA A 341 22.70 10.54 -17.69
N GLN A 342 22.63 10.52 -19.01
CA GLN A 342 21.37 10.76 -19.68
C GLN A 342 20.65 9.44 -19.86
N ILE A 343 19.41 9.52 -20.35
CA ILE A 343 18.64 8.35 -20.71
C ILE A 343 19.10 7.94 -22.08
N PRO A 344 19.43 6.66 -22.26
CA PRO A 344 19.85 6.08 -23.53
C PRO A 344 18.80 6.19 -24.67
N GLU A 345 19.24 6.37 -25.90
CA GLU A 345 18.28 6.51 -26.97
C GLU A 345 17.49 5.27 -27.18
N SER A 346 18.01 4.14 -26.79
CA SER A 346 17.30 2.86 -26.97
C SER A 346 15.93 2.83 -26.28
N PHE A 347 15.71 3.73 -25.33
CA PHE A 347 14.42 3.84 -24.66
C PHE A 347 13.30 4.27 -25.60
N LYS A 348 13.67 4.79 -26.77
CA LYS A 348 12.69 5.12 -27.80
C LYS A 348 11.85 3.90 -28.22
N ASN A 349 12.42 2.72 -28.00
CA ASN A 349 11.81 1.46 -28.41
C ASN A 349 11.02 0.69 -27.34
N PHE A 350 10.75 1.31 -26.20
CA PHE A 350 10.22 0.54 -25.08
C PHE A 350 8.69 0.51 -25.19
N GLN A 351 8.11 -0.57 -25.70
CA GLN A 351 6.67 -0.55 -25.91
C GLN A 351 5.88 -1.06 -24.71
N SER A 352 6.54 -1.78 -23.81
CA SER A 352 5.83 -2.35 -22.68
C SER A 352 5.71 -1.36 -21.53
N LEU A 353 6.58 -0.35 -21.52
CA LEU A 353 6.80 0.45 -20.32
C LEU A 353 5.59 1.29 -19.98
N THR A 354 4.99 1.08 -18.82
CA THR A 354 3.94 2.01 -18.39
C THR A 354 4.29 3.00 -17.26
N SER A 355 5.35 2.71 -16.49
CA SER A 355 5.65 3.50 -15.28
C SER A 355 7.15 3.66 -15.10
N LEU A 356 7.62 4.88 -14.97
CA LEU A 356 9.04 5.07 -14.79
C LEU A 356 9.32 6.09 -13.72
N SER A 357 10.20 5.74 -12.81
CA SER A 357 10.69 6.67 -11.81
C SER A 357 12.23 6.68 -11.78
N PHE A 358 12.78 7.81 -12.17
CA PHE A 358 14.20 8.10 -12.02
C PHE A 358 14.53 9.00 -10.82
N SER A 359 13.57 9.19 -9.92
CA SER A 359 13.66 10.20 -8.88
C SER A 359 14.98 10.21 -8.10
N ASN A 360 15.60 11.38 -7.97
CA ASN A 360 16.87 11.55 -7.26
C ASN A 360 17.99 10.63 -7.80
N SER A 361 18.00 10.38 -9.10
CA SER A 361 19.01 9.55 -9.75
C SER A 361 20.17 10.22 -10.52
N SER A 362 20.27 11.55 -10.47
CA SER A 362 21.30 12.30 -11.20
C SER A 362 21.17 12.15 -12.71
N ILE A 363 19.97 12.36 -13.22
CA ILE A 363 19.76 12.33 -14.66
C ILE A 363 20.00 13.71 -15.29
N GLN A 364 20.64 13.73 -16.45
CA GLN A 364 20.98 15.00 -17.14
C GLN A 364 20.27 15.12 -18.49
N ASN A 365 20.16 16.36 -18.98
CA ASN A 365 19.59 16.63 -20.31
C ASN A 365 18.10 16.26 -20.42
N ILE A 366 17.26 17.00 -19.70
CA ILE A 366 15.83 16.77 -19.72
C ILE A 366 15.27 16.96 -21.13
N SER A 367 15.97 17.79 -21.92
CA SER A 367 15.61 18.03 -23.30
C SER A 367 15.71 16.73 -24.07
N SER A 368 16.86 16.08 -23.97
CA SER A 368 17.00 14.77 -24.54
C SER A 368 16.09 13.76 -23.83
N ALA A 369 15.95 13.87 -22.51
CA ALA A 369 15.18 12.88 -21.79
C ALA A 369 13.74 12.82 -22.30
N LEU A 370 13.16 13.98 -22.57
CA LEU A 370 11.77 14.03 -23.03
C LEU A 370 11.61 13.72 -24.52
N GLU A 371 12.62 14.06 -25.32
CA GLU A 371 12.61 13.72 -26.74
C GLU A 371 12.53 12.21 -26.89
N ILE A 372 13.29 11.53 -26.04
CA ILE A 372 13.35 10.08 -26.05
C ILE A 372 12.11 9.41 -25.43
N LEU A 373 11.71 9.85 -24.25
CA LEU A 373 10.66 9.14 -23.52
C LEU A 373 9.30 9.25 -24.16
N GLN A 374 9.13 10.19 -25.08
CA GLN A 374 7.82 10.42 -25.70
C GLN A 374 7.45 9.32 -26.69
N HIS A 375 8.44 8.55 -27.16
CA HIS A 375 8.17 7.49 -28.12
C HIS A 375 7.72 6.21 -27.43
N CYS A 376 7.57 6.29 -26.11
CA CYS A 376 7.08 5.17 -25.34
C CYS A 376 5.60 5.36 -25.36
N GLN A 377 4.91 4.50 -26.11
CA GLN A 377 3.49 4.67 -26.39
C GLN A 377 2.65 4.55 -25.14
N ASN A 378 3.05 3.63 -24.27
CA ASN A 378 2.20 3.16 -23.18
C ASN A 378 2.44 3.74 -21.83
N LEU A 379 3.29 4.75 -21.77
CA LEU A 379 3.74 5.28 -20.50
C LEU A 379 2.61 6.12 -19.89
N LYS A 380 2.05 5.63 -18.78
CA LYS A 380 1.04 6.32 -17.98
C LYS A 380 1.66 7.26 -16.95
N THR A 381 2.78 6.85 -16.36
CA THR A 381 3.31 7.57 -15.21
C THR A 381 4.83 7.75 -15.20
N LEU A 382 5.27 9.00 -14.99
CA LEU A 382 6.68 9.35 -15.13
C LEU A 382 7.17 10.18 -13.94
N VAL A 383 8.13 9.67 -13.16
CA VAL A 383 8.60 10.45 -12.02
C VAL A 383 10.04 10.93 -12.23
N LEU A 384 10.19 12.22 -12.50
CA LEU A 384 11.51 12.82 -12.79
C LEU A 384 12.16 13.67 -11.68
N THR A 385 11.57 13.65 -10.49
CA THR A 385 11.95 14.53 -9.38
C THR A 385 13.43 14.50 -8.98
N LEU A 386 13.95 15.67 -8.60
CA LEU A 386 15.31 15.80 -8.09
C LEU A 386 16.38 15.43 -9.11
N ASN A 387 16.11 15.73 -10.38
CA ASN A 387 17.11 15.60 -11.42
C ASN A 387 17.24 16.96 -12.14
N PHE A 388 18.06 17.01 -13.19
CA PHE A 388 18.08 18.14 -14.10
C PHE A 388 18.22 19.50 -13.41
N GLN A 389 19.00 19.57 -12.34
CA GLN A 389 19.07 20.80 -11.54
C GLN A 389 19.37 22.08 -12.38
N LYS A 390 18.50 23.06 -12.18
CA LYS A 390 18.61 24.36 -12.85
C LYS A 390 18.56 24.29 -14.38
N GLU A 391 17.99 23.21 -14.94
CA GLU A 391 17.80 23.14 -16.39
C GLU A 391 16.52 23.84 -16.85
N GLU A 392 16.31 23.87 -18.15
CA GLU A 392 15.19 24.61 -18.71
C GLU A 392 14.09 23.61 -19.11
N LEU A 393 12.91 23.75 -18.53
CA LEU A 393 11.80 22.86 -18.89
C LEU A 393 11.43 23.08 -20.35
N PRO A 394 11.56 22.04 -21.19
CA PRO A 394 11.33 22.22 -22.63
C PRO A 394 10.02 22.91 -22.98
N SER A 395 10.11 23.87 -23.90
CA SER A 395 8.97 24.66 -24.36
C SER A 395 8.40 24.20 -25.70
N VAL A 396 9.05 23.22 -26.32
CA VAL A 396 8.68 22.77 -27.66
C VAL A 396 7.31 22.08 -27.69
N PRO A 397 6.38 22.60 -28.52
CA PRO A 397 4.97 22.16 -28.56
C PRO A 397 4.76 20.75 -29.13
N SER A 398 5.77 20.18 -29.77
CA SER A 398 5.58 18.93 -30.49
C SER A 398 5.80 17.65 -29.68
N LEU A 399 6.39 17.76 -28.49
CA LEU A 399 6.52 16.63 -27.58
C LEU A 399 5.14 16.14 -27.29
N GLN A 400 4.90 14.84 -27.41
CA GLN A 400 3.59 14.30 -27.10
C GLN A 400 3.58 12.99 -26.30
N PHE A 401 3.03 13.04 -25.08
CA PHE A 401 2.86 11.84 -24.31
C PHE A 401 1.36 11.57 -24.23
N LYS A 402 0.88 10.67 -25.09
CA LYS A 402 -0.55 10.56 -25.33
C LYS A 402 -1.28 9.83 -24.22
N ASN A 403 -0.60 8.84 -23.64
CA ASN A 403 -1.23 8.00 -22.63
C ASN A 403 -0.91 8.38 -21.20
N LEU A 404 -0.19 9.48 -21.03
CA LEU A 404 0.30 9.91 -19.72
C LEU A 404 -0.85 10.29 -18.79
N LYS A 405 -0.71 9.87 -17.54
CA LYS A 405 -1.73 10.01 -16.49
C LYS A 405 -1.16 10.76 -15.30
N VAL A 406 -0.01 10.28 -14.82
CA VAL A 406 0.75 10.95 -13.77
C VAL A 406 2.07 11.55 -14.29
N LEU A 407 2.27 12.85 -14.11
CA LEU A 407 3.58 13.46 -14.38
C LEU A 407 4.09 14.22 -13.18
N ILE A 408 5.20 13.75 -12.62
CA ILE A 408 5.78 14.41 -11.45
C ILE A 408 7.23 14.81 -11.75
N ILE A 409 7.47 16.11 -11.89
CA ILE A 409 8.84 16.63 -11.97
C ILE A 409 8.99 17.76 -10.98
N ALA A 410 9.65 17.47 -9.86
CA ALA A 410 9.58 18.37 -8.73
C ALA A 410 10.98 18.56 -8.17
N SER A 411 11.21 19.69 -7.51
CA SER A 411 12.49 20.04 -6.90
C SER A 411 13.64 19.95 -7.89
N CYS A 412 13.38 20.26 -9.15
CA CYS A 412 14.44 20.27 -10.16
C CYS A 412 15.01 21.65 -10.45
N GLN A 413 14.45 22.69 -9.84
CA GLN A 413 14.82 24.07 -10.11
C GLN A 413 14.64 24.40 -11.59
N LEU A 414 13.66 23.79 -12.22
CA LEU A 414 13.45 24.00 -13.65
C LEU A 414 13.07 25.42 -13.98
N ARG A 415 13.72 25.97 -15.00
CA ARG A 415 13.42 27.32 -15.48
C ARG A 415 12.50 27.20 -16.69
N GLY A 416 11.51 28.09 -16.79
CA GLY A 416 10.66 28.13 -17.96
C GLY A 416 9.24 28.55 -17.64
N THR A 417 8.35 28.39 -18.61
CA THR A 417 6.94 28.58 -18.34
C THR A 417 6.28 27.20 -18.30
N VAL A 418 4.98 27.14 -18.00
CA VAL A 418 4.22 25.90 -18.14
C VAL A 418 4.00 25.66 -19.62
N PRO A 419 4.60 24.60 -20.16
CA PRO A 419 4.64 24.37 -21.60
C PRO A 419 3.36 23.81 -22.19
N GLN A 420 3.07 24.23 -23.41
CA GLN A 420 1.89 23.80 -24.13
C GLN A 420 1.87 22.30 -24.49
N TRP A 421 3.03 21.67 -24.60
CA TRP A 421 3.06 20.27 -25.01
C TRP A 421 2.33 19.35 -24.02
N LEU A 422 2.19 19.83 -22.79
CA LEU A 422 1.37 19.13 -21.82
C LEU A 422 -0.04 18.89 -22.34
N SER A 423 -0.56 19.80 -23.17
CA SER A 423 -1.92 19.66 -23.67
C SER A 423 -2.09 18.38 -24.51
N ASN A 424 -0.97 17.79 -24.90
CA ASN A 424 -0.96 16.56 -25.70
C ASN A 424 -1.15 15.36 -24.81
N SER A 425 -1.36 15.63 -23.53
CA SER A 425 -1.69 14.62 -22.54
C SER A 425 -3.12 14.86 -22.03
N PRO A 426 -4.11 14.55 -22.87
CA PRO A 426 -5.52 14.87 -22.63
C PRO A 426 -6.08 14.14 -21.42
N SER A 427 -5.53 12.96 -21.14
CA SER A 427 -6.04 12.05 -20.11
C SER A 427 -5.34 12.27 -18.77
N LEU A 428 -4.53 13.32 -18.70
CA LEU A 428 -3.70 13.58 -17.54
C LEU A 428 -4.52 13.79 -16.27
N GLN A 429 -4.29 12.93 -15.28
CA GLN A 429 -4.88 13.04 -13.94
C GLN A 429 -4.11 13.83 -12.88
N LEU A 430 -2.80 13.63 -12.86
CA LEU A 430 -1.97 14.14 -11.79
C LEU A 430 -0.78 14.91 -12.35
N LEU A 431 -0.66 16.20 -12.03
CA LEU A 431 0.47 17.00 -12.49
C LEU A 431 1.18 17.71 -11.35
N ASP A 432 2.41 17.32 -11.05
CA ASP A 432 3.17 18.01 -10.01
C ASP A 432 4.45 18.68 -10.54
N LEU A 433 4.39 20.00 -10.67
CA LEU A 433 5.54 20.83 -11.08
C LEU A 433 6.22 21.63 -9.95
N SER A 434 5.82 21.35 -8.71
CA SER A 434 6.25 22.12 -7.55
C SER A 434 7.76 22.17 -7.31
N TRP A 435 8.19 23.26 -6.68
CA TRP A 435 9.58 23.48 -6.26
C TRP A 435 10.57 23.62 -7.39
N ASN A 436 10.13 24.28 -8.46
CA ASN A 436 11.03 24.64 -9.54
C ASN A 436 11.17 26.17 -9.60
N GLN A 437 11.87 26.65 -10.61
CA GLN A 437 11.98 28.08 -10.89
C GLN A 437 11.02 28.61 -11.95
N LEU A 438 10.01 27.83 -12.30
CA LEU A 438 9.05 28.22 -13.36
C LEU A 438 8.38 29.58 -13.17
N SER A 439 8.08 30.25 -14.28
CA SER A 439 7.50 31.59 -14.23
C SER A 439 6.43 31.82 -15.30
N GLY A 440 5.98 33.07 -15.40
CA GLY A 440 4.91 33.41 -16.31
C GLY A 440 3.57 33.17 -15.65
N THR A 441 2.50 33.43 -16.40
CA THR A 441 1.15 33.22 -15.90
C THR A 441 0.81 31.75 -15.94
N ILE A 442 -0.16 31.33 -15.12
CA ILE A 442 -0.69 29.98 -15.22
C ILE A 442 -1.62 29.94 -16.43
N PRO A 443 -1.28 29.08 -17.42
CA PRO A 443 -2.05 29.02 -18.66
C PRO A 443 -3.50 28.60 -18.40
N PRO A 444 -4.46 29.36 -18.94
CA PRO A 444 -5.89 29.05 -18.84
C PRO A 444 -6.28 27.69 -19.42
N TRP A 445 -5.48 27.14 -20.34
CA TRP A 445 -5.86 25.87 -20.96
C TRP A 445 -5.75 24.70 -20.00
N LEU A 446 -5.05 24.87 -18.88
CA LEU A 446 -4.97 23.83 -17.85
C LEU A 446 -6.36 23.40 -17.40
N GLY A 447 -7.30 24.35 -17.39
CA GLY A 447 -8.67 24.06 -17.02
C GLY A 447 -9.34 23.03 -17.91
N SER A 448 -8.78 22.79 -19.09
CA SER A 448 -9.45 21.94 -20.07
C SER A 448 -9.11 20.46 -19.92
N LEU A 449 -8.18 20.15 -19.01
CA LEU A 449 -7.83 18.75 -18.78
C LEU A 449 -8.94 18.14 -17.93
N ASN A 450 -9.64 17.17 -18.52
CA ASN A 450 -10.89 16.69 -17.97
C ASN A 450 -10.71 15.67 -16.91
N SER A 451 -9.55 15.04 -16.93
CA SER A 451 -9.27 13.98 -16.00
C SER A 451 -8.44 14.44 -14.82
N LEU A 452 -8.11 15.73 -14.77
CA LEU A 452 -7.07 16.20 -13.86
C LEU A 452 -7.64 16.61 -12.49
N PHE A 453 -7.36 15.80 -11.46
CA PHE A 453 -7.80 16.10 -10.10
C PHE A 453 -6.72 16.54 -9.11
N TYR A 454 -5.46 16.49 -9.51
CA TYR A 454 -4.36 16.87 -8.60
C TYR A 454 -3.34 17.78 -9.31
N LEU A 455 -3.23 19.02 -8.86
CA LEU A 455 -2.36 20.00 -9.49
C LEU A 455 -1.45 20.62 -8.44
N ASP A 456 -0.14 20.38 -8.52
CA ASP A 456 0.77 21.04 -7.60
C ASP A 456 1.77 21.94 -8.34
N LEU A 457 1.47 23.25 -8.35
CA LEU A 457 2.32 24.31 -8.89
C LEU A 457 3.04 25.15 -7.82
N SER A 458 2.96 24.71 -6.57
CA SER A 458 3.48 25.49 -5.46
C SER A 458 4.99 25.69 -5.49
N ASN A 459 5.44 26.82 -4.92
CA ASN A 459 6.87 27.14 -4.73
C ASN A 459 7.65 27.35 -6.04
N ASN A 460 6.95 27.80 -7.07
CA ASN A 460 7.56 28.40 -8.25
C ASN A 460 7.50 29.91 -8.16
N THR A 461 7.78 30.59 -9.26
CA THR A 461 7.58 32.03 -9.35
C THR A 461 6.33 32.58 -10.07
N PHE A 462 5.32 31.76 -10.33
CA PHE A 462 4.18 32.20 -11.17
C PHE A 462 3.54 33.53 -10.74
N ILE A 463 3.12 34.31 -11.74
CA ILE A 463 2.47 35.60 -11.49
C ILE A 463 1.11 35.70 -12.19
N GLY A 464 0.44 36.84 -12.01
CA GLY A 464 -0.86 37.06 -12.62
C GLY A 464 -2.01 36.50 -11.80
N GLU A 465 -3.10 36.16 -12.47
CA GLU A 465 -4.33 35.74 -11.80
C GLU A 465 -4.62 34.25 -11.94
N ILE A 466 -5.33 33.69 -10.97
CA ILE A 466 -5.79 32.32 -11.10
C ILE A 466 -6.80 32.24 -12.23
N PRO A 467 -6.56 31.37 -13.21
CA PRO A 467 -7.45 31.30 -14.37
C PRO A 467 -8.84 30.84 -13.96
N HIS A 468 -9.88 31.53 -14.44
CA HIS A 468 -11.25 31.13 -14.10
C HIS A 468 -11.50 29.69 -14.50
N SER A 469 -10.77 29.19 -15.49
CA SER A 469 -11.06 27.86 -16.01
C SER A 469 -10.76 26.75 -15.01
N LEU A 470 -9.89 27.02 -14.04
CA LEU A 470 -9.62 26.04 -12.98
C LEU A 470 -10.91 25.71 -12.24
N THR A 471 -11.76 26.71 -12.14
CA THR A 471 -13.05 26.64 -11.49
C THR A 471 -13.99 25.65 -12.19
N SER A 472 -13.68 25.37 -13.46
CA SER A 472 -14.52 24.56 -14.34
C SER A 472 -14.06 23.11 -14.57
N LEU A 473 -12.93 22.73 -13.97
CA LEU A 473 -12.31 21.42 -14.23
C LEU A 473 -13.28 20.25 -13.98
N GLN A 474 -13.47 19.41 -14.99
CA GLN A 474 -14.52 18.40 -14.96
C GLN A 474 -14.44 17.42 -13.79
N SER A 475 -13.23 16.95 -13.48
CA SER A 475 -13.04 15.92 -12.45
C SER A 475 -13.29 16.41 -11.04
N LEU A 476 -13.12 17.71 -10.82
CA LEU A 476 -13.31 18.29 -9.49
C LEU A 476 -14.74 18.82 -9.31
N VAL A 477 -15.51 18.82 -10.39
CA VAL A 477 -16.91 19.27 -10.33
C VAL A 477 -17.87 18.17 -9.85
N SER A 478 -18.00 17.09 -10.61
CA SER A 478 -18.82 15.95 -10.18
C SER A 478 -18.12 14.63 -10.53
N LYS A 479 -18.79 13.51 -10.26
CA LYS A 479 -18.18 12.20 -10.48
C LYS A 479 -18.60 11.55 -11.80
N PHE A 511 -3.78 9.79 -3.62
CA PHE A 511 -3.65 11.26 -3.69
C PHE A 511 -4.99 11.97 -3.64
N PRO A 512 -5.15 12.87 -2.67
CA PRO A 512 -6.39 13.64 -2.53
C PRO A 512 -6.49 14.71 -3.62
N PRO A 513 -7.70 14.92 -4.15
CA PRO A 513 -7.90 16.02 -5.09
C PRO A 513 -7.45 17.34 -4.49
N MET A 514 -6.56 18.03 -5.18
CA MET A 514 -5.92 19.21 -4.65
C MET A 514 -5.61 20.22 -5.76
N ILE A 515 -5.93 21.48 -5.54
CA ILE A 515 -5.29 22.55 -6.29
C ILE A 515 -4.35 23.24 -5.31
N ASP A 516 -3.04 23.15 -5.54
CA ASP A 516 -2.12 23.84 -4.66
C ASP A 516 -1.26 24.82 -5.45
N LEU A 517 -1.57 26.10 -5.27
CA LEU A 517 -0.88 27.23 -5.89
C LEU A 517 0.08 28.00 -4.97
N SER A 518 0.31 27.47 -3.78
CA SER A 518 0.98 28.23 -2.71
C SER A 518 2.42 28.64 -3.02
N TYR A 519 2.88 29.69 -2.35
CA TYR A 519 4.21 30.24 -2.56
C TYR A 519 4.45 30.62 -4.02
N ASN A 520 3.67 31.58 -4.48
CA ASN A 520 3.90 32.21 -5.77
C ASN A 520 3.65 33.72 -5.64
N SER A 521 3.73 34.43 -6.75
CA SER A 521 3.41 35.86 -6.81
C SER A 521 1.98 36.17 -7.26
N LEU A 522 1.10 35.17 -7.29
CA LEU A 522 -0.26 35.35 -7.80
C LEU A 522 -1.00 36.54 -7.19
N ASN A 523 -1.72 37.28 -8.05
CA ASN A 523 -2.57 38.39 -7.63
C ASN A 523 -4.01 38.23 -8.09
N GLY A 524 -4.84 39.25 -7.87
CA GLY A 524 -6.24 39.18 -8.25
C GLY A 524 -7.05 38.63 -7.09
N SER A 525 -8.29 38.24 -7.36
CA SER A 525 -9.13 37.74 -6.28
C SER A 525 -9.46 36.25 -6.43
N ILE A 526 -10.13 35.69 -5.42
CA ILE A 526 -10.54 34.29 -5.41
C ILE A 526 -11.93 34.19 -6.01
N TRP A 527 -12.05 33.54 -7.16
CA TRP A 527 -13.32 33.47 -7.84
C TRP A 527 -14.37 32.75 -6.99
N PRO A 528 -15.58 33.32 -6.91
CA PRO A 528 -16.66 32.66 -6.17
C PRO A 528 -17.08 31.34 -6.79
N GLU A 529 -16.67 31.07 -8.02
CA GLU A 529 -17.06 29.83 -8.70
C GLU A 529 -16.22 28.62 -8.27
N PHE A 530 -15.25 28.82 -7.40
CA PHE A 530 -14.54 27.70 -6.81
C PHE A 530 -15.55 26.78 -6.12
N GLY A 531 -16.68 27.36 -5.73
CA GLY A 531 -17.76 26.63 -5.10
C GLY A 531 -18.33 25.50 -5.95
N ASP A 532 -18.03 25.52 -7.23
CA ASP A 532 -18.51 24.47 -8.11
C ASP A 532 -17.68 23.21 -7.99
N LEU A 533 -16.57 23.27 -7.26
CA LEU A 533 -15.76 22.08 -7.15
C LEU A 533 -16.22 21.34 -5.91
N ARG A 534 -17.00 20.30 -6.11
CA ARG A 534 -17.59 19.57 -5.00
C ARG A 534 -16.73 18.37 -4.62
N GLN A 535 -15.76 18.05 -5.48
CA GLN A 535 -14.84 16.95 -5.21
C GLN A 535 -13.48 17.37 -4.67
N LEU A 536 -13.27 18.68 -4.53
CA LEU A 536 -11.97 19.17 -4.08
C LEU A 536 -11.79 18.93 -2.60
N HIS A 537 -10.74 18.20 -2.22
CA HIS A 537 -10.34 18.04 -0.82
C HIS A 537 -9.42 19.15 -0.28
N VAL A 538 -8.59 19.71 -1.14
CA VAL A 538 -7.55 20.62 -0.67
C VAL A 538 -7.44 21.82 -1.59
N LEU A 539 -7.52 23.01 -1.03
CA LEU A 539 -7.21 24.18 -1.84
C LEU A 539 -6.19 25.01 -1.09
N ASN A 540 -4.96 25.03 -1.59
CA ASN A 540 -3.90 25.74 -0.89
C ASN A 540 -3.38 26.94 -1.68
N LEU A 541 -3.80 28.12 -1.27
CA LEU A 541 -3.41 29.37 -1.91
C LEU A 541 -2.37 30.20 -1.17
N LYS A 542 -1.82 29.66 -0.08
CA LYS A 542 -1.03 30.50 0.84
C LYS A 542 0.25 31.13 0.23
N ASN A 543 0.72 32.21 0.86
CA ASN A 543 1.89 32.94 0.38
C ASN A 543 1.86 33.41 -1.07
N ASN A 544 0.80 34.12 -1.42
CA ASN A 544 0.69 34.84 -2.68
C ASN A 544 0.34 36.28 -2.33
N ASN A 545 0.02 37.11 -3.31
CA ASN A 545 -0.68 38.36 -2.98
C ASN A 545 -2.05 38.35 -3.62
N LEU A 546 -3.08 37.98 -2.87
CA LEU A 546 -4.42 37.83 -3.42
C LEU A 546 -5.25 38.88 -2.72
N SER A 547 -6.34 39.32 -3.34
CA SER A 547 -7.02 40.53 -2.88
C SER A 547 -8.55 40.47 -2.87
N GLY A 548 -9.16 41.31 -2.04
CA GLY A 548 -10.61 41.34 -1.94
C GLY A 548 -11.17 40.39 -0.89
N ASN A 549 -12.37 39.88 -1.15
CA ASN A 549 -13.11 39.08 -0.18
C ASN A 549 -13.04 37.57 -0.41
N ILE A 550 -13.03 36.81 0.67
CA ILE A 550 -13.38 35.40 0.61
C ILE A 550 -14.86 35.26 0.19
N PRO A 551 -15.09 34.66 -1.00
CA PRO A 551 -16.32 34.61 -1.79
C PRO A 551 -17.64 34.24 -1.10
N ALA A 552 -17.64 33.27 -0.20
CA ALA A 552 -18.89 32.91 0.45
C ALA A 552 -19.56 31.82 -0.24
N ASN A 553 -19.39 31.79 -1.54
CA ASN A 553 -19.91 30.73 -2.38
C ASN A 553 -18.94 29.59 -2.23
N LEU A 554 -17.82 29.88 -1.57
CA LEU A 554 -16.78 28.90 -1.25
C LEU A 554 -17.35 27.69 -0.56
N SER A 555 -18.47 27.81 0.15
CA SER A 555 -19.00 26.56 0.61
C SER A 555 -20.08 26.19 -0.38
N GLY A 556 -19.65 25.60 -1.48
CA GLY A 556 -20.36 24.61 -2.21
C GLY A 556 -19.37 23.47 -2.27
N MET A 557 -18.22 23.65 -1.62
CA MET A 557 -17.16 22.68 -1.76
C MET A 557 -17.35 21.68 -0.64
N THR A 558 -18.01 20.59 -1.00
CA THR A 558 -18.64 19.74 -0.01
C THR A 558 -17.56 18.94 0.67
N SER A 559 -16.58 18.49 -0.13
CA SER A 559 -15.51 17.63 0.37
C SER A 559 -14.24 18.38 0.77
N LEU A 560 -14.26 19.70 0.75
CA LEU A 560 -13.09 20.47 1.16
C LEU A 560 -12.64 20.13 2.60
N GLU A 561 -11.39 19.69 2.74
CA GLU A 561 -10.83 19.28 4.03
C GLU A 561 -9.84 20.33 4.50
N VAL A 562 -8.84 20.61 3.67
CA VAL A 562 -7.88 21.66 3.93
C VAL A 562 -8.20 22.92 3.11
N LEU A 563 -8.29 24.06 3.78
CA LEU A 563 -8.38 25.33 3.06
C LEU A 563 -7.40 26.32 3.65
N ASP A 564 -6.38 26.70 2.86
CA ASP A 564 -5.31 27.56 3.36
C ASP A 564 -5.18 28.84 2.55
N LEU A 565 -5.63 29.94 3.12
CA LEU A 565 -5.51 31.27 2.53
C LEU A 565 -4.46 32.18 3.18
N SER A 566 -3.69 31.65 4.12
CA SER A 566 -2.80 32.49 4.92
C SER A 566 -1.71 33.18 4.10
N HIS A 567 -1.20 34.29 4.65
CA HIS A 567 -0.19 35.14 4.01
C HIS A 567 -0.60 35.68 2.63
N ASN A 568 -1.79 36.26 2.55
CA ASN A 568 -2.20 37.05 1.39
C ASN A 568 -2.65 38.42 1.86
N ASN A 569 -3.17 39.24 0.95
CA ASN A 569 -3.76 40.49 1.37
C ASN A 569 -5.27 40.45 1.11
N LEU A 570 -6.04 40.06 2.12
CA LEU A 570 -7.46 39.80 1.91
C LEU A 570 -8.27 40.64 2.86
N SER A 571 -9.43 41.11 2.42
CA SER A 571 -10.24 41.99 3.23
C SER A 571 -11.66 41.47 3.34
N GLY A 572 -12.42 42.00 4.30
CA GLY A 572 -13.76 41.51 4.55
C GLY A 572 -13.84 40.61 5.78
N ASN A 573 -14.95 39.88 5.87
CA ASN A 573 -15.21 38.97 6.98
C ASN A 573 -15.11 37.55 6.49
N ILE A 574 -14.77 36.63 7.38
CA ILE A 574 -14.88 35.23 7.06
C ILE A 574 -16.38 34.90 6.91
N PRO A 575 -16.81 34.53 5.68
CA PRO A 575 -18.25 34.34 5.45
C PRO A 575 -18.83 33.29 6.37
N PRO A 576 -19.91 33.62 7.09
CA PRO A 576 -20.53 32.65 8.01
C PRO A 576 -20.99 31.36 7.32
N SER A 577 -21.32 31.42 6.04
CA SER A 577 -21.70 30.22 5.29
C SER A 577 -20.61 29.16 5.32
N LEU A 578 -19.36 29.57 5.54
CA LEU A 578 -18.22 28.65 5.50
C LEU A 578 -18.35 27.56 6.57
N VAL A 579 -19.27 27.82 7.50
CA VAL A 579 -19.62 26.87 8.55
C VAL A 579 -20.26 25.58 7.98
N LYS A 580 -20.77 25.67 6.75
CA LYS A 580 -21.37 24.54 6.06
C LYS A 580 -20.39 23.45 5.56
N LEU A 581 -19.09 23.66 5.69
CA LEU A 581 -18.16 22.66 5.19
C LEU A 581 -17.93 21.67 6.32
N SER A 582 -18.48 20.48 6.14
CA SER A 582 -18.60 19.54 7.24
C SER A 582 -17.28 18.84 7.52
N PHE A 583 -16.45 18.73 6.49
CA PHE A 583 -15.21 17.96 6.57
C PHE A 583 -13.91 18.75 6.80
N LEU A 584 -14.01 20.05 7.05
CA LEU A 584 -12.83 20.90 6.97
C LEU A 584 -12.11 20.84 8.32
N SER A 585 -11.03 20.06 8.33
CA SER A 585 -10.21 19.81 9.52
C SER A 585 -9.13 20.85 9.77
N THR A 586 -8.59 21.41 8.69
CA THR A 586 -7.51 22.39 8.83
C THR A 586 -7.80 23.61 7.97
N PHE A 587 -7.60 24.78 8.56
CA PHE A 587 -7.98 26.04 7.96
C PHE A 587 -7.02 27.12 8.42
N SER A 588 -6.59 28.00 7.51
CA SER A 588 -5.91 29.22 7.96
C SER A 588 -6.22 30.46 7.12
N VAL A 589 -6.67 31.53 7.75
CA VAL A 589 -6.64 32.86 7.11
C VAL A 589 -5.53 33.80 7.63
N ALA A 590 -4.61 33.26 8.40
CA ALA A 590 -3.66 34.05 9.14
C ALA A 590 -2.85 35.00 8.33
N TYR A 591 -2.62 36.19 8.85
CA TYR A 591 -1.88 37.24 8.16
C TYR A 591 -2.53 37.75 6.88
N ASN A 592 -3.68 38.39 7.05
CA ASN A 592 -4.36 39.08 5.98
C ASN A 592 -4.90 40.38 6.57
N LYS A 593 -5.72 41.07 5.81
CA LYS A 593 -6.41 42.26 6.27
C LYS A 593 -7.86 41.99 6.76
N LEU A 594 -8.22 40.72 6.94
CA LEU A 594 -9.57 40.33 7.36
C LEU A 594 -9.99 40.89 8.71
N SER A 595 -11.30 41.09 8.86
CA SER A 595 -11.86 41.69 10.07
C SER A 595 -13.26 41.14 10.31
N GLY A 596 -13.62 40.91 11.57
CA GLY A 596 -15.01 40.61 11.87
C GLY A 596 -15.11 39.55 12.94
N PRO A 597 -16.32 39.02 13.17
CA PRO A 597 -16.41 37.86 14.05
C PRO A 597 -15.97 36.59 13.32
N ILE A 598 -15.34 35.67 14.05
CA ILE A 598 -15.03 34.35 13.51
C ILE A 598 -16.32 33.53 13.57
N PRO A 599 -16.60 32.72 12.53
CA PRO A 599 -17.80 31.89 12.52
C PRO A 599 -17.87 30.95 13.71
N THR A 600 -19.08 30.67 14.17
CA THR A 600 -19.32 30.01 15.45
C THR A 600 -19.08 28.53 15.36
N GLY A 601 -19.63 27.90 14.34
CA GLY A 601 -19.12 26.63 13.85
C GLY A 601 -19.03 25.51 14.87
N VAL A 602 -18.36 24.44 14.47
CA VAL A 602 -17.87 23.47 15.42
C VAL A 602 -16.42 23.22 15.01
N GLN A 603 -16.25 22.86 13.73
CA GLN A 603 -14.95 22.83 13.10
C GLN A 603 -14.22 24.15 13.33
N PHE A 604 -14.93 25.26 13.19
CA PHE A 604 -14.34 26.54 13.51
C PHE A 604 -13.89 26.59 14.95
N GLN A 605 -14.72 26.04 15.85
CA GLN A 605 -14.36 25.97 17.26
C GLN A 605 -13.06 25.18 17.48
N THR A 606 -12.71 24.28 16.55
CA THR A 606 -11.48 23.47 16.67
C THR A 606 -10.16 24.15 16.24
N PHE A 607 -10.24 25.07 15.28
CA PHE A 607 -9.04 25.68 14.68
C PHE A 607 -8.20 26.41 15.73
N PRO A 608 -6.87 26.23 15.69
CA PRO A 608 -5.98 26.84 16.67
C PRO A 608 -5.98 28.37 16.61
N ASN A 609 -5.54 29.00 17.69
CA ASN A 609 -5.45 30.46 17.72
C ASN A 609 -4.57 30.93 16.56
N SER A 610 -3.55 30.12 16.26
CA SER A 610 -2.56 30.42 15.24
C SER A 610 -3.14 30.70 13.85
N SER A 611 -4.31 30.17 13.57
CA SER A 611 -4.79 30.24 12.20
C SER A 611 -5.70 31.42 11.95
N PHE A 612 -5.94 32.25 12.96
CA PHE A 612 -6.52 33.58 12.73
C PHE A 612 -5.59 34.79 12.89
N GLU A 613 -4.38 34.54 13.40
CA GLU A 613 -3.48 35.63 13.77
C GLU A 613 -3.00 36.45 12.58
N GLY A 614 -2.79 37.74 12.81
CA GLY A 614 -2.26 38.61 11.78
C GLY A 614 -3.32 39.45 11.09
N ASN A 615 -4.56 39.33 11.53
CA ASN A 615 -5.65 40.12 10.95
C ASN A 615 -6.15 41.20 11.90
N GLN A 616 -6.38 42.36 11.32
CA GLN A 616 -6.94 43.51 11.96
C GLN A 616 -8.09 43.23 12.93
N GLY A 617 -9.24 42.93 12.38
CA GLY A 617 -10.51 42.94 13.09
C GLY A 617 -11.07 41.66 13.68
N LEU A 618 -10.43 40.52 13.44
CA LEU A 618 -10.98 39.23 13.84
C LEU A 618 -11.31 39.12 15.33
N CYS A 619 -12.51 38.64 15.64
CA CYS A 619 -12.90 38.31 17.01
C CYS A 619 -13.99 37.28 17.10
C1 NAG B . -14.04 -17.60 6.67
C2 NAG B . -13.34 -18.21 5.45
C3 NAG B . -13.17 -17.23 4.29
C4 NAG B . -14.45 -16.50 3.94
C5 NAG B . -15.04 -15.93 5.23
C6 NAG B . -16.43 -15.34 4.94
C7 NAG B . -11.61 -19.90 5.40
C8 NAG B . -10.24 -20.32 5.81
N2 NAG B . -12.05 -18.72 5.83
O3 NAG B . -12.70 -17.94 3.15
O4 NAG B . -14.23 -15.51 2.94
O5 NAG B . -15.20 -16.93 6.23
O6 NAG B . -17.04 -14.91 6.15
O7 NAG B . -12.31 -20.62 4.71
C1 NAG C . 15.94 0.81 4.26
C2 NAG C . 14.84 1.32 5.20
C3 NAG C . 15.31 1.40 6.65
C4 NAG C . 16.00 0.12 7.08
C5 NAG C . 17.07 -0.24 6.05
C6 NAG C . 17.90 -1.45 6.47
C7 NAG C . 13.33 2.77 4.00
C8 NAG C . 13.03 4.15 3.49
N2 NAG C . 14.39 2.63 4.78
O3 NAG C . 14.22 1.64 7.49
O4 NAG C . 16.61 0.33 8.33
O5 NAG C . 16.48 -0.40 4.77
O6 NAG C . 17.13 -2.63 6.59
O7 NAG C . 12.63 1.82 3.67
C1 NAG D . 21.04 -14.66 -22.53
C2 NAG D . 22.32 -15.49 -22.59
C3 NAG D . 22.37 -16.36 -23.85
C4 NAG D . 21.11 -17.24 -23.81
C5 NAG D . 19.90 -16.29 -23.87
C6 NAG D . 18.59 -17.05 -23.87
C7 NAG D . 24.13 -14.38 -21.37
C8 NAG D . 25.09 -13.24 -21.35
N2 NAG D . 23.44 -14.57 -22.50
O3 NAG D . 23.59 -17.08 -23.98
O4 NAG D . 21.01 -18.25 -24.81
O5 NAG D . 19.89 -15.45 -22.74
O6 NAG D . 18.32 -17.48 -22.55
O7 NAG D . 24.02 -15.08 -20.37
C1 NAG E . 5.07 -15.53 -15.04
C2 NAG E . 5.17 -16.96 -14.53
C3 NAG E . 3.84 -17.50 -14.06
C4 NAG E . 3.10 -16.50 -13.19
C5 NAG E . 3.14 -15.10 -13.82
C6 NAG E . 2.37 -14.10 -12.96
C7 NAG E . 6.67 -18.67 -15.33
C8 NAG E . 7.50 -19.13 -16.49
N2 NAG E . 5.69 -17.80 -15.61
O3 NAG E . 4.07 -18.68 -13.32
O4 NAG E . 1.75 -16.87 -13.06
O5 NAG E . 4.50 -14.72 -14.04
O6 NAG E . 2.84 -12.80 -13.22
O7 NAG E . 6.88 -19.08 -14.18
C1 NAG F . 18.35 12.48 -2.69
C2 NAG F . 17.39 11.96 -1.61
C3 NAG F . 17.88 12.00 -0.16
C4 NAG F . 19.39 11.85 -0.05
C5 NAG F . 20.07 12.76 -1.07
C6 NAG F . 21.58 12.74 -0.93
C7 NAG F . 15.03 12.06 -2.06
C8 NAG F . 13.72 12.68 -1.60
N2 NAG F . 16.14 12.69 -1.69
O3 NAG F . 17.24 10.98 0.60
O4 NAG F . 19.82 12.15 1.26
O5 NAG F . 19.72 12.31 -2.36
O6 NAG F . 22.04 11.43 -1.18
O7 NAG F . 15.05 11.02 -2.74
C1 NAG G . 21.52 16.61 -24.84
C2 NAG G . 22.76 17.43 -25.19
C3 NAG G . 23.04 17.39 -26.69
C4 NAG G . 23.09 15.94 -27.19
C5 NAG G . 21.93 15.04 -26.70
C6 NAG G . 22.08 13.53 -27.05
C7 NAG G . 23.45 19.45 -23.99
C8 NAG G . 23.25 20.93 -23.88
N2 NAG G . 22.59 18.81 -24.78
O3 NAG G . 24.22 18.14 -26.99
O4 NAG G . 22.96 15.98 -28.60
O5 NAG G . 21.59 15.27 -25.32
O6 NAG G . 23.24 12.82 -26.65
O7 NAG G . 24.36 18.91 -23.36
C1 NAG H . 10.87 26.15 -2.05
C2 NAG H . 10.91 25.69 -0.58
C3 NAG H . 12.33 25.65 0.00
C4 NAG H . 13.27 24.88 -0.92
C5 NAG H . 13.22 25.51 -2.31
C6 NAG H . 14.13 24.72 -3.24
C7 NAG H . 8.91 26.22 0.73
C8 NAG H . 8.11 27.29 1.39
N2 NAG H . 10.10 26.58 0.24
O3 NAG H . 12.33 25.04 1.28
O4 NAG H . 14.58 24.86 -0.39
O5 NAG H . 11.89 25.54 -2.82
O6 NAG H . 13.66 24.76 -4.58
O7 NAG H . 8.46 25.08 0.64
#